data_3T0Q
#
_entry.id   3T0Q
#
_cell.length_a   44.866
_cell.length_b   84.623
_cell.length_c   101.141
_cell.angle_alpha   90.00
_cell.angle_beta   90.00
_cell.angle_gamma   90.00
#
_symmetry.space_group_name_H-M   'P 21 21 21'
#
loop_
_entity.id
_entity.type
_entity.pdbx_description
1 polymer AGR253Wp
2 non-polymer 'MAGNESIUM ION'
3 non-polymer "ADENOSINE-5'-DIPHOSPHATE"
4 non-polymer 1,2-ETHANEDIOL
5 water water
#
_entity_poly.entity_id   1
_entity_poly.type   'polypeptide(L)'
_entity_poly.pdbx_seq_one_letter_code
;MALRGNIRVYCRVRPPLLNEPQDMSHILIEKFNEAKGAQSLTINRNEGRILSYNFQFDMIFEPSHTNKEIFEEIRQLVQS
SLDGYNVCIFAYGQTGSGKTYTMLNAGDGMIPMTLSHIFKWTANLKERGWNYEMECEYIEIYNETILDLLRDFKSHDNID
EILDSQKHDIRHDHEKQGTYITNVTRMKMTSTSQVDTILKKASKMRSTAATRSNERSSRSHSVFMVHINGRNLHTGETSQ
GKLNLVDLAGSERINSSAVTGERLRETQNINKSLSCLGDVIYALNTPDAGKRYIPFRNSKLTYLLQYSLVGDSKTLMFVN
IPPDPNHISETLNSLRFASKVNSTKIAKR
;
_entity_poly.pdbx_strand_id   A
#
loop_
_chem_comp.id
_chem_comp.type
_chem_comp.name
_chem_comp.formula
ADP non-polymer ADENOSINE-5'-DIPHOSPHATE 'C10 H15 N5 O10 P2'
EDO non-polymer 1,2-ETHANEDIOL 'C2 H6 O2'
MG non-polymer 'MAGNESIUM ION' 'Mg 2'
#
# COMPACT_ATOMS: atom_id res chain seq x y z
N GLY A 5 -12.94 -4.95 -8.37
CA GLY A 5 -12.35 -3.68 -8.73
C GLY A 5 -10.98 -3.90 -9.34
N ASN A 6 -10.27 -2.81 -9.63
CA ASN A 6 -8.93 -2.88 -10.21
C ASN A 6 -7.85 -3.25 -9.20
N ILE A 7 -7.00 -4.21 -9.57
CA ILE A 7 -5.87 -4.57 -8.73
C ILE A 7 -4.61 -4.74 -9.55
N ARG A 8 -3.54 -4.14 -9.09
CA ARG A 8 -2.28 -4.19 -9.81
C ARG A 8 -1.18 -4.55 -8.82
N VAL A 9 -0.19 -5.31 -9.28
CA VAL A 9 0.91 -5.76 -8.42
C VAL A 9 2.23 -5.42 -9.07
N TYR A 10 2.98 -4.55 -8.41
CA TYR A 10 4.31 -4.19 -8.87
C TYR A 10 5.32 -4.84 -7.96
N CYS A 11 6.39 -5.36 -8.53
CA CYS A 11 7.50 -5.87 -7.73
C CYS A 11 8.65 -4.84 -7.74
N ARG A 12 9.24 -4.56 -6.59
CA ARG A 12 10.43 -3.73 -6.57
C ARG A 12 11.64 -4.47 -5.97
N VAL A 13 12.67 -4.68 -6.78
CA VAL A 13 13.94 -5.19 -6.25
C VAL A 13 14.79 -4.00 -5.86
N ARG A 14 15.06 -3.83 -4.57
CA ARG A 14 15.93 -2.73 -4.15
C ARG A 14 17.41 -3.02 -4.44
N PRO A 15 18.26 -1.98 -4.51
CA PRO A 15 19.68 -2.23 -4.75
C PRO A 15 20.39 -2.65 -3.47
N PRO A 16 21.53 -3.36 -3.58
CA PRO A 16 22.32 -3.76 -2.41
C PRO A 16 22.88 -2.57 -1.64
N LEU A 17 22.83 -2.63 -0.31
CA LEU A 17 23.47 -1.65 0.53
C LEU A 17 24.99 -1.88 0.55
N LEU A 18 25.74 -0.88 0.97
CA LEU A 18 27.19 -0.95 0.90
C LEU A 18 27.76 -2.22 1.53
N ASN A 19 27.28 -2.60 2.72
CA ASN A 19 27.84 -3.76 3.42
C ASN A 19 27.26 -5.12 2.99
N GLU A 20 26.27 -5.13 2.11
CA GLU A 20 25.64 -6.37 1.69
C GLU A 20 26.38 -7.06 0.56
N PRO A 21 26.11 -8.36 0.37
CA PRO A 21 26.59 -9.01 -0.85
C PRO A 21 26.13 -8.19 -2.03
N GLN A 22 26.96 -8.07 -3.05
CA GLN A 22 26.63 -7.27 -4.22
C GLN A 22 26.13 -8.03 -5.42
N ASP A 23 26.11 -9.36 -5.36
CA ASP A 23 25.79 -10.14 -6.56
C ASP A 23 24.29 -10.42 -6.75
N MET A 24 23.76 -9.88 -7.83
CA MET A 24 22.37 -10.07 -8.20
C MET A 24 22.08 -11.12 -9.28
N SER A 25 23.11 -11.83 -9.73
CA SER A 25 22.96 -12.76 -10.85
C SER A 25 21.89 -13.84 -10.65
N HIS A 26 21.48 -14.09 -9.41
CA HIS A 26 20.40 -15.01 -9.13
C HIS A 26 19.00 -14.45 -9.45
N ILE A 27 18.95 -13.18 -9.85
CA ILE A 27 17.69 -12.51 -10.17
C ILE A 27 17.69 -12.06 -11.61
N LEU A 28 16.72 -12.54 -12.38
CA LEU A 28 16.65 -12.20 -13.79
C LEU A 28 15.33 -11.49 -14.10
N ILE A 29 15.41 -10.24 -14.49
CA ILE A 29 14.24 -9.44 -14.81
C ILE A 29 14.15 -9.18 -16.31
N GLU A 30 13.14 -9.76 -16.94
CA GLU A 30 12.89 -9.57 -18.38
C GLU A 30 12.41 -8.16 -18.66
N LYS A 31 12.65 -7.68 -19.88
CA LYS A 31 12.08 -6.40 -20.29
C LYS A 31 10.58 -6.58 -20.48
N PHE A 32 9.82 -5.51 -20.28
CA PHE A 32 8.36 -5.60 -20.33
C PHE A 32 7.85 -6.14 -21.67
N ASN A 33 7.06 -7.21 -21.61
CA ASN A 33 6.62 -7.93 -22.82
C ASN A 33 5.15 -7.74 -23.17
N GLU A 34 4.89 -6.99 -24.24
CA GLU A 34 3.51 -6.71 -24.65
C GLU A 34 2.72 -8.00 -24.83
N GLY A 37 0.91 -9.86 -21.75
CA GLY A 37 0.90 -8.50 -21.23
C GLY A 37 1.23 -8.44 -19.73
N ALA A 38 2.47 -8.76 -19.40
CA ALA A 38 2.96 -8.79 -18.03
C ALA A 38 4.47 -8.67 -18.07
N GLN A 39 5.10 -8.40 -16.94
CA GLN A 39 6.56 -8.50 -16.87
C GLN A 39 6.95 -9.67 -16.00
N SER A 40 7.94 -10.43 -16.42
CA SER A 40 8.29 -11.61 -15.64
C SER A 40 9.65 -11.47 -14.97
N LEU A 41 9.80 -12.14 -13.83
CA LEU A 41 11.11 -12.29 -13.24
C LEU A 41 11.35 -13.72 -12.78
N THR A 42 12.60 -14.15 -12.79
CA THR A 42 12.88 -15.49 -12.37
C THR A 42 14.00 -15.50 -11.32
N ILE A 43 13.84 -16.37 -10.32
CA ILE A 43 14.86 -16.58 -9.29
C ILE A 43 15.47 -17.98 -9.41
N ASN A 44 16.79 -17.99 -9.53
CA ASN A 44 17.53 -19.24 -9.59
C ASN A 44 18.28 -19.47 -8.28
N ARG A 45 18.07 -20.62 -7.66
CA ARG A 45 18.89 -21.03 -6.54
C ARG A 45 19.74 -22.25 -6.90
N ASN A 46 21.05 -22.18 -6.63
CA ASN A 46 21.96 -23.27 -7.00
C ASN A 46 22.18 -24.31 -5.89
N GLU A 47 21.67 -25.53 -6.13
CA GLU A 47 21.83 -26.67 -5.23
C GLU A 47 22.58 -27.83 -5.90
N ILE A 50 20.20 -26.72 -9.25
CA ILE A 50 19.69 -25.47 -9.78
C ILE A 50 18.18 -25.46 -9.92
N LEU A 51 17.51 -24.68 -9.08
CA LEU A 51 16.06 -24.56 -9.13
C LEU A 51 15.68 -23.21 -9.67
N SER A 52 14.66 -23.20 -10.52
CA SER A 52 14.22 -21.96 -11.14
C SER A 52 12.78 -21.66 -10.69
N TYR A 53 12.52 -20.40 -10.37
CA TYR A 53 11.17 -19.94 -10.07
C TYR A 53 10.80 -18.75 -10.94
N ASN A 54 9.58 -18.75 -11.42
CA ASN A 54 9.15 -17.67 -12.29
C ASN A 54 7.92 -17.00 -11.71
N PHE A 55 7.80 -15.69 -11.94
CA PHE A 55 6.70 -14.92 -11.41
C PHE A 55 6.32 -13.81 -12.37
N GLN A 56 5.03 -13.49 -12.43
CA GLN A 56 4.52 -12.44 -13.31
C GLN A 56 3.92 -11.29 -12.52
N PHE A 57 4.27 -10.07 -12.92
CA PHE A 57 3.77 -8.87 -12.29
C PHE A 57 3.32 -7.89 -13.36
N ASP A 58 2.57 -6.89 -12.95
CA ASP A 58 2.16 -5.83 -13.86
C ASP A 58 3.35 -4.96 -14.20
N MET A 59 4.24 -4.79 -13.23
CA MET A 59 5.50 -4.12 -13.47
C MET A 59 6.59 -4.59 -12.50
N ILE A 60 7.83 -4.60 -12.97
CA ILE A 60 8.94 -4.91 -12.12
C ILE A 60 9.90 -3.74 -12.16
N PHE A 61 10.20 -3.19 -10.99
CA PHE A 61 11.21 -2.14 -10.89
C PHE A 61 12.54 -2.72 -10.47
N GLU A 62 13.58 -2.34 -11.21
CA GLU A 62 14.94 -2.83 -11.00
C GLU A 62 15.63 -2.02 -9.91
N PRO A 63 16.78 -2.52 -9.40
CA PRO A 63 17.59 -1.81 -8.41
C PRO A 63 17.89 -0.37 -8.82
N SER A 64 17.93 -0.12 -10.12
CA SER A 64 18.25 1.21 -10.62
C SER A 64 17.04 2.16 -10.71
N HIS A 65 15.83 1.63 -10.55
CA HIS A 65 14.65 2.48 -10.62
C HIS A 65 14.46 3.27 -9.34
N THR A 66 14.42 4.59 -9.50
CA THR A 66 14.24 5.53 -8.39
C THR A 66 12.81 5.67 -7.91
N ASN A 67 12.65 6.15 -6.68
CA ASN A 67 11.34 6.55 -6.20
C ASN A 67 10.58 7.46 -7.17
N LYS A 68 11.24 8.48 -7.69
CA LYS A 68 10.59 9.41 -8.60
C LYS A 68 10.16 8.72 -9.89
N GLU A 69 10.94 7.75 -10.34
CA GLU A 69 10.55 7.05 -11.55
C GLU A 69 9.33 6.21 -11.31
N ILE A 70 9.24 5.65 -10.10
CA ILE A 70 8.16 4.77 -9.75
C ILE A 70 6.87 5.56 -9.62
N PHE A 71 6.97 6.73 -8.97
CA PHE A 71 5.79 7.59 -8.76
C PHE A 71 5.08 7.98 -10.03
N GLU A 72 5.84 8.21 -11.10
CA GLU A 72 5.25 8.39 -12.44
C GLU A 72 4.33 7.25 -12.79
N GLU A 73 4.63 6.05 -12.28
CA GLU A 73 3.84 4.87 -12.57
C GLU A 73 2.53 4.80 -11.77
N ILE A 74 2.53 5.39 -10.58
CA ILE A 74 1.31 5.48 -9.78
C ILE A 74 0.55 6.83 -9.83
N ARG A 75 1.09 7.80 -10.56
CA ARG A 75 0.57 9.16 -10.54
C ARG A 75 -0.91 9.26 -10.97
N GLN A 76 -1.24 8.68 -12.12
CA GLN A 76 -2.63 8.60 -12.58
C GLN A 76 -3.52 7.90 -11.56
N LEU A 77 -3.00 6.83 -10.97
CA LEU A 77 -3.73 6.09 -9.94
C LEU A 77 -4.15 6.98 -8.78
N VAL A 78 -3.20 7.69 -8.18
CA VAL A 78 -3.48 8.43 -6.96
C VAL A 78 -4.27 9.68 -7.26
N GLN A 79 -4.10 10.16 -8.49
CA GLN A 79 -4.82 11.32 -9.01
C GLN A 79 -6.31 10.97 -9.12
N SER A 80 -6.60 9.71 -9.43
CA SER A 80 -7.98 9.27 -9.59
C SER A 80 -8.80 9.40 -8.30
N SER A 81 -8.15 9.61 -7.17
CA SER A 81 -8.84 9.92 -5.91
C SER A 81 -9.53 11.30 -5.84
N LEU A 82 -9.20 12.20 -6.77
CA LEU A 82 -9.87 13.50 -6.87
C LEU A 82 -11.03 13.35 -7.85
N ASP A 83 -11.06 12.21 -8.49
CA ASP A 83 -12.12 11.82 -9.43
C ASP A 83 -13.21 10.93 -8.80
N GLY A 84 -13.19 10.78 -7.48
CA GLY A 84 -14.25 10.07 -6.79
C GLY A 84 -13.95 8.61 -6.52
N TYR A 85 -12.69 8.24 -6.63
CA TYR A 85 -12.26 6.87 -6.40
C TYR A 85 -11.62 6.70 -5.03
N ASN A 86 -11.84 5.53 -4.44
CA ASN A 86 -11.08 5.08 -3.29
C ASN A 86 -9.87 4.30 -3.78
N VAL A 87 -8.70 4.67 -3.27
CA VAL A 87 -7.45 4.10 -3.75
C VAL A 87 -6.69 3.51 -2.58
N CYS A 88 -6.20 2.29 -2.76
CA CYS A 88 -5.35 1.67 -1.76
C CYS A 88 -3.99 1.32 -2.38
N ILE A 89 -2.92 1.76 -1.75
CA ILE A 89 -1.59 1.33 -2.14
C ILE A 89 -0.94 0.65 -0.96
N PHE A 90 -0.49 -0.59 -1.16
CA PHE A 90 0.14 -1.37 -0.12
C PHE A 90 1.60 -1.65 -0.47
N ALA A 91 2.45 -1.65 0.53
CA ALA A 91 3.80 -2.10 0.32
C ALA A 91 4.03 -3.30 1.20
N TYR A 92 4.41 -4.41 0.60
CA TYR A 92 4.47 -5.69 1.27
C TYR A 92 5.85 -6.28 1.08
N GLY A 93 6.38 -6.88 2.14
CA GLY A 93 7.66 -7.56 2.04
C GLY A 93 8.36 -7.79 3.37
N GLN A 94 9.42 -8.56 3.30
CA GLN A 94 10.27 -8.88 4.42
C GLN A 94 10.87 -7.63 5.03
N THR A 95 11.05 -7.62 6.35
CA THR A 95 11.77 -6.53 7.00
C THR A 95 13.12 -6.33 6.28
N GLY A 96 13.45 -5.08 5.98
CA GLY A 96 14.69 -4.78 5.29
C GLY A 96 14.58 -4.70 3.77
N SER A 97 13.41 -5.05 3.24
CA SER A 97 13.23 -5.17 1.79
C SER A 97 12.95 -3.86 1.05
N GLY A 98 12.69 -2.78 1.79
CA GLY A 98 12.34 -1.50 1.19
C GLY A 98 10.91 -0.95 1.22
N LYS A 99 10.05 -1.51 2.09
CA LYS A 99 8.67 -1.04 2.23
C LYS A 99 8.60 0.45 2.62
N THR A 100 9.21 0.80 3.75
CA THR A 100 9.16 2.17 4.28
C THR A 100 9.88 3.15 3.39
N TYR A 101 11.01 2.73 2.84
CA TYR A 101 11.75 3.57 1.93
C TYR A 101 10.86 3.90 0.74
N THR A 102 10.14 2.90 0.24
CA THR A 102 9.32 3.13 -0.93
C THR A 102 8.21 4.13 -0.61
N MET A 103 7.57 3.94 0.52
CA MET A 103 6.42 4.75 0.89
C MET A 103 6.75 6.11 1.52
N LEU A 104 7.68 6.09 2.47
CA LEU A 104 8.04 7.27 3.26
C LEU A 104 9.34 8.08 3.00
N ASN A 105 10.18 7.67 2.05
CA ASN A 105 11.51 8.30 1.96
C ASN A 105 11.33 9.81 1.84
N ALA A 106 12.18 10.61 2.48
CA ALA A 106 11.83 12.01 2.62
C ALA A 106 11.83 12.70 1.26
N GLY A 107 10.66 13.24 0.91
CA GLY A 107 10.44 14.05 -0.27
C GLY A 107 10.33 13.17 -1.51
N ASP A 108 10.91 11.98 -1.43
CA ASP A 108 10.88 10.97 -2.48
C ASP A 108 9.76 9.92 -2.42
N GLY A 109 9.15 9.77 -1.26
CA GLY A 109 8.35 8.59 -1.01
C GLY A 109 7.00 8.67 -1.70
N MET A 110 6.35 7.53 -1.90
CA MET A 110 5.04 7.53 -2.53
C MET A 110 4.12 8.46 -1.75
N ILE A 111 4.22 8.45 -0.42
CA ILE A 111 3.38 9.31 0.38
C ILE A 111 3.69 10.81 0.21
N PRO A 112 4.97 11.21 0.34
CA PRO A 112 5.31 12.61 0.03
C PRO A 112 4.99 13.04 -1.40
N MET A 113 5.33 12.22 -2.39
CA MET A 113 5.05 12.55 -3.78
C MET A 113 3.55 12.69 -4.05
N THR A 114 2.76 11.80 -3.47
CA THR A 114 1.32 11.81 -3.70
C THR A 114 0.69 13.06 -3.11
N LEU A 115 1.04 13.35 -1.87
CA LEU A 115 0.61 14.58 -1.22
C LEU A 115 0.92 15.84 -2.05
N SER A 116 2.16 15.97 -2.52
CA SER A 116 2.53 17.10 -3.37
C SER A 116 1.70 17.13 -4.63
N HIS A 117 1.71 16.05 -5.39
CA HIS A 117 0.96 16.00 -6.65
C HIS A 117 -0.55 16.22 -6.44
N ILE A 118 -1.02 15.95 -5.22
CA ILE A 118 -2.43 16.16 -4.86
C ILE A 118 -2.74 17.66 -4.74
N PHE A 119 -1.97 18.35 -3.92
CA PHE A 119 -2.12 19.79 -3.73
C PHE A 119 -1.98 20.56 -5.02
N LYS A 120 -1.10 20.09 -5.89
CA LYS A 120 -0.87 20.77 -7.17
C LYS A 120 -2.09 20.65 -8.05
N TRP A 121 -2.65 19.44 -8.09
CA TRP A 121 -3.83 19.17 -8.91
C TRP A 121 -5.04 19.86 -8.33
N THR A 122 -5.17 19.81 -7.01
CA THR A 122 -6.21 20.51 -6.27
C THR A 122 -6.18 22.01 -6.59
N ALA A 123 -5.03 22.65 -6.38
CA ALA A 123 -4.83 24.05 -6.74
C ALA A 123 -5.16 24.26 -8.21
N ASN A 124 -4.67 23.36 -9.05
CA ASN A 124 -4.96 23.38 -10.48
C ASN A 124 -6.46 23.44 -10.79
N LEU A 125 -7.23 22.69 -10.03
CA LEU A 125 -8.65 22.49 -10.34
C LEU A 125 -9.54 23.68 -9.97
N LYS A 126 -8.99 24.63 -9.21
CA LYS A 126 -9.70 25.87 -8.92
C LYS A 126 -10.08 26.55 -10.22
N GLU A 127 -9.23 26.43 -11.23
CA GLU A 127 -9.49 27.01 -12.55
C GLU A 127 -10.80 26.50 -13.15
N ARG A 128 -11.11 25.22 -12.91
CA ARG A 128 -12.36 24.65 -13.37
C ARG A 128 -13.52 24.96 -12.40
N GLY A 129 -13.21 25.61 -11.28
CA GLY A 129 -14.22 25.97 -10.29
C GLY A 129 -14.35 24.97 -9.16
N TRP A 130 -13.42 24.03 -9.11
CA TRP A 130 -13.38 23.00 -8.07
C TRP A 130 -12.79 23.46 -6.74
N ASN A 131 -13.51 23.21 -5.66
CA ASN A 131 -13.00 23.45 -4.33
C ASN A 131 -12.95 22.14 -3.52
N TYR A 132 -11.74 21.69 -3.21
CA TYR A 132 -11.50 20.45 -2.48
C TYR A 132 -11.10 20.71 -1.02
N GLU A 133 -11.70 19.97 -0.10
CA GLU A 133 -11.29 20.00 1.30
C GLU A 133 -10.73 18.62 1.68
N MET A 134 -9.56 18.63 2.31
CA MET A 134 -8.84 17.38 2.58
C MET A 134 -8.45 17.23 4.03
N GLU A 135 -8.64 16.02 4.55
CA GLU A 135 -8.22 15.66 5.89
C GLU A 135 -7.36 14.41 5.83
N CYS A 136 -6.52 14.23 6.85
CA CYS A 136 -5.72 13.02 6.95
C CYS A 136 -5.87 12.36 8.31
N GLU A 137 -5.77 11.04 8.32
CA GLU A 137 -5.62 10.28 9.56
C GLU A 137 -4.32 9.52 9.38
N TYR A 138 -3.64 9.23 10.47
CA TYR A 138 -2.46 8.39 10.40
C TYR A 138 -2.56 7.45 11.58
N ILE A 139 -2.65 6.15 11.31
CA ILE A 139 -2.77 5.19 12.38
C ILE A 139 -1.83 4.04 12.18
N GLU A 140 -1.60 3.29 13.25
CA GLU A 140 -0.84 2.09 13.15
C GLU A 140 -1.59 0.94 13.83
N ILE A 141 -1.49 -0.23 13.23
CA ILE A 141 -2.13 -1.41 13.77
C ILE A 141 -1.02 -2.32 14.26
N TYR A 142 -1.03 -2.58 15.55
CA TYR A 142 -0.06 -3.46 16.17
C TYR A 142 -0.81 -4.49 16.99
N ASN A 143 -0.56 -5.78 16.74
CA ASN A 143 -1.32 -6.80 17.44
C ASN A 143 -2.80 -6.54 17.34
N GLU A 144 -3.27 -6.25 16.15
CA GLU A 144 -4.69 -6.07 15.92
C GLU A 144 -5.32 -5.09 16.89
N THR A 145 -4.55 -4.10 17.33
CA THR A 145 -5.07 -2.98 18.12
C THR A 145 -4.63 -1.68 17.44
N ILE A 146 -5.47 -0.66 17.48
CA ILE A 146 -5.21 0.57 16.73
C ILE A 146 -4.58 1.69 17.52
N LEU A 147 -3.47 2.20 17.02
CA LEU A 147 -2.83 3.36 17.60
C LEU A 147 -2.88 4.56 16.66
N ASP A 148 -3.33 5.69 17.19
CA ASP A 148 -3.47 6.93 16.42
C ASP A 148 -2.20 7.74 16.57
N LEU A 149 -1.53 7.99 15.45
CA LEU A 149 -0.20 8.57 15.45
C LEU A 149 -0.23 10.08 15.45
N LEU A 150 -1.42 10.64 15.27
CA LEU A 150 -1.60 12.08 15.27
C LEU A 150 -2.09 12.63 16.62
N ARG A 151 -2.28 11.72 17.58
CA ARG A 151 -2.82 12.08 18.90
C ARG A 151 -2.24 13.36 19.51
N LYS A 167 -8.77 4.08 23.21
CA LYS A 167 -9.80 3.20 22.65
C LYS A 167 -10.30 3.69 21.28
N HIS A 168 -10.21 2.81 20.28
CA HIS A 168 -10.63 3.14 18.92
C HIS A 168 -11.40 2.00 18.27
N ASP A 169 -12.60 2.30 17.78
CA ASP A 169 -13.42 1.29 17.12
C ASP A 169 -13.74 1.75 15.70
N ILE A 170 -14.00 0.78 14.83
CA ILE A 170 -14.21 1.04 13.42
C ILE A 170 -15.69 1.03 13.16
N ARG A 171 -16.20 2.14 12.64
CA ARG A 171 -17.65 2.32 12.48
C ARG A 171 -18.02 2.43 11.02
N HIS A 172 -18.78 1.45 10.54
CA HIS A 172 -19.20 1.41 9.14
C HIS A 172 -20.64 1.85 8.92
N ASP A 173 -20.86 2.65 7.88
CA ASP A 173 -22.20 2.99 7.42
C ASP A 173 -22.42 2.32 6.08
N HIS A 174 -23.24 1.29 6.05
CA HIS A 174 -23.35 0.49 4.83
C HIS A 174 -24.17 1.18 3.74
N GLU A 175 -25.02 2.11 4.13
CA GLU A 175 -25.84 2.84 3.19
C GLU A 175 -25.04 3.92 2.48
N LYS A 176 -24.22 4.64 3.24
CA LYS A 176 -23.39 5.71 2.67
C LYS A 176 -21.98 5.22 2.31
N GLN A 177 -21.72 3.93 2.56
CA GLN A 177 -20.47 3.26 2.16
C GLN A 177 -19.21 3.99 2.64
N GLY A 178 -19.14 4.25 3.94
CA GLY A 178 -18.09 5.09 4.50
C GLY A 178 -17.65 4.63 5.88
N THR A 179 -16.52 5.14 6.34
CA THR A 179 -15.90 4.60 7.54
C THR A 179 -15.13 5.64 8.37
N TYR A 180 -15.18 5.49 9.68
CA TYR A 180 -14.38 6.31 10.58
C TYR A 180 -13.97 5.49 11.81
N ILE A 181 -12.88 5.91 12.44
CA ILE A 181 -12.41 5.27 13.67
C ILE A 181 -12.66 6.24 14.82
N THR A 182 -13.22 5.71 15.90
CA THR A 182 -13.56 6.54 17.04
C THR A 182 -12.32 7.11 17.75
N ASN A 183 -12.40 8.38 18.10
CA ASN A 183 -11.36 9.06 18.89
C ASN A 183 -10.00 9.17 18.20
N VAL A 184 -10.02 9.15 16.86
CA VAL A 184 -8.80 9.26 16.09
C VAL A 184 -8.72 10.66 15.50
N THR A 185 -7.63 11.36 15.76
CA THR A 185 -7.54 12.74 15.29
C THR A 185 -7.50 12.76 13.78
N ARG A 186 -8.29 13.65 13.19
CA ARG A 186 -8.30 13.86 11.75
C ARG A 186 -7.94 15.30 11.46
N MET A 187 -6.79 15.55 10.85
CA MET A 187 -6.33 16.93 10.68
C MET A 187 -6.58 17.49 9.29
N LYS A 188 -7.09 18.70 9.23
CA LYS A 188 -7.30 19.35 7.95
C LYS A 188 -5.94 19.61 7.29
N MET A 189 -5.89 19.41 5.98
CA MET A 189 -4.64 19.57 5.25
C MET A 189 -4.67 20.91 4.54
N THR A 190 -3.65 21.72 4.78
CA THR A 190 -3.57 23.06 4.20
C THR A 190 -2.51 23.17 3.10
N SER A 191 -1.24 23.02 3.45
CA SER A 191 -0.16 23.19 2.47
C SER A 191 0.70 21.95 2.33
N THR A 192 1.44 21.85 1.23
CA THR A 192 2.39 20.75 1.04
C THR A 192 3.41 20.78 2.15
N SER A 193 3.77 21.98 2.59
CA SER A 193 4.67 22.16 3.73
C SER A 193 4.06 21.61 5.02
N GLN A 194 2.89 22.14 5.36
CA GLN A 194 2.18 21.77 6.57
C GLN A 194 1.96 20.27 6.71
N VAL A 195 1.63 19.61 5.60
CA VAL A 195 1.44 18.17 5.62
C VAL A 195 2.74 17.43 5.94
N ASP A 196 3.83 17.89 5.33
CA ASP A 196 5.14 17.26 5.52
C ASP A 196 5.60 17.26 6.98
N THR A 197 5.21 18.26 7.74
CA THR A 197 5.59 18.31 9.15
C THR A 197 4.88 17.24 9.96
N ILE A 198 3.62 16.95 9.62
CA ILE A 198 2.87 15.93 10.35
C ILE A 198 3.54 14.56 10.27
N LEU A 199 4.00 14.20 9.08
CA LEU A 199 4.70 12.94 8.89
C LEU A 199 5.94 12.92 9.76
N LYS A 200 6.81 13.90 9.53
CA LYS A 200 8.08 13.98 10.23
C LYS A 200 7.82 13.91 11.72
N LYS A 201 6.94 14.76 12.24
CA LYS A 201 6.61 14.72 13.66
C LYS A 201 6.26 13.29 14.11
N ALA A 202 5.35 12.64 13.38
CA ALA A 202 4.89 11.31 13.74
C ALA A 202 5.82 10.22 13.20
N GLU A 215 11.74 -1.04 15.85
CA GLU A 215 11.42 -2.46 15.75
C GLU A 215 9.92 -2.74 15.74
N ARG A 216 9.17 -2.06 16.61
CA ARG A 216 7.71 -2.25 16.65
C ARG A 216 7.11 -1.91 15.30
N SER A 217 7.62 -0.86 14.68
CA SER A 217 7.16 -0.44 13.36
C SER A 217 7.38 -1.51 12.30
N SER A 218 8.44 -2.30 12.44
CA SER A 218 8.68 -3.42 11.54
C SER A 218 7.60 -4.46 11.75
N ARG A 219 7.02 -4.45 12.95
CA ARG A 219 5.97 -5.37 13.34
C ARG A 219 4.52 -4.84 13.30
N SER A 220 4.32 -3.60 12.87
CA SER A 220 2.97 -3.09 12.77
C SER A 220 2.66 -2.58 11.37
N HIS A 221 1.37 -2.48 11.03
CA HIS A 221 0.96 -1.85 9.77
C HIS A 221 0.78 -0.38 10.01
N SER A 222 1.30 0.45 9.12
CA SER A 222 1.05 1.88 9.25
C SER A 222 0.19 2.36 8.08
N VAL A 223 -0.85 3.13 8.41
CA VAL A 223 -1.87 3.45 7.43
C VAL A 223 -2.13 4.93 7.38
N PHE A 224 -1.79 5.55 6.27
CA PHE A 224 -1.96 6.96 6.12
C PHE A 224 -3.15 7.19 5.20
N MET A 225 -4.16 7.89 5.70
CA MET A 225 -5.42 8.06 4.95
C MET A 225 -5.72 9.50 4.61
N VAL A 226 -6.12 9.75 3.37
CA VAL A 226 -6.47 11.09 2.95
C VAL A 226 -7.91 11.14 2.45
N HIS A 227 -8.77 11.82 3.20
CA HIS A 227 -10.18 11.97 2.83
C HIS A 227 -10.33 13.20 1.95
N ILE A 228 -10.97 13.03 0.80
CA ILE A 228 -11.03 14.09 -0.20
C ILE A 228 -12.46 14.34 -0.62
N ASN A 229 -12.96 15.52 -0.26
CA ASN A 229 -14.29 15.94 -0.68
C ASN A 229 -14.20 17.21 -1.49
N GLY A 230 -14.96 17.29 -2.56
CA GLY A 230 -14.90 18.48 -3.38
C GLY A 230 -16.25 18.78 -3.97
N ARG A 231 -16.40 20.02 -4.42
CA ARG A 231 -17.61 20.43 -5.09
C ARG A 231 -17.24 21.49 -6.11
N ASN A 232 -17.85 21.42 -7.28
CA ASN A 232 -17.61 22.43 -8.29
C ASN A 232 -18.55 23.59 -8.08
N LEU A 233 -18.00 24.79 -7.87
CA LEU A 233 -18.81 25.97 -7.57
C LEU A 233 -19.83 26.27 -8.66
N HIS A 234 -19.41 26.12 -9.92
CA HIS A 234 -20.29 26.43 -11.04
C HIS A 234 -21.37 25.37 -11.25
N THR A 235 -20.96 24.10 -11.26
CA THR A 235 -21.85 22.97 -11.56
C THR A 235 -22.69 22.42 -10.42
N GLY A 236 -22.20 22.51 -9.19
CA GLY A 236 -22.82 21.86 -8.05
C GLY A 236 -22.34 20.43 -7.91
N GLU A 237 -21.49 20.01 -8.84
CA GLU A 237 -20.99 18.64 -8.88
C GLU A 237 -20.14 18.30 -7.68
N THR A 238 -20.39 17.11 -7.15
CA THR A 238 -19.77 16.65 -5.93
C THR A 238 -18.80 15.51 -6.20
N SER A 239 -17.74 15.44 -5.39
CA SER A 239 -16.71 14.42 -5.57
C SER A 239 -16.26 13.95 -4.21
N GLN A 240 -16.27 12.64 -4.00
CA GLN A 240 -15.74 12.07 -2.78
C GLN A 240 -14.79 10.92 -3.10
N GLY A 241 -13.60 10.96 -2.53
CA GLY A 241 -12.57 9.98 -2.85
C GLY A 241 -11.69 9.73 -1.66
N LYS A 242 -10.79 8.76 -1.77
CA LYS A 242 -9.94 8.47 -0.65
C LYS A 242 -8.59 7.87 -1.07
N LEU A 243 -7.56 8.16 -0.29
CA LEU A 243 -6.27 7.57 -0.48
C LEU A 243 -5.92 6.86 0.80
N ASN A 244 -5.53 5.60 0.65
CA ASN A 244 -5.09 4.79 1.78
C ASN A 244 -3.73 4.25 1.42
N LEU A 245 -2.70 4.69 2.14
CA LEU A 245 -1.33 4.33 1.80
C LEU A 245 -0.73 3.57 2.96
N VAL A 246 -0.31 2.33 2.69
CA VAL A 246 -0.07 1.39 3.76
C VAL A 246 1.33 0.83 3.70
N ASP A 247 2.03 0.94 4.83
CA ASP A 247 3.35 0.34 4.98
C ASP A 247 3.10 -0.86 5.89
N LEU A 248 3.18 -2.05 5.32
CA LEU A 248 2.77 -3.26 6.01
C LEU A 248 3.84 -3.75 7.00
N ALA A 249 3.39 -4.51 8.01
CA ALA A 249 4.29 -5.24 8.89
C ALA A 249 5.11 -6.20 8.03
N GLY A 250 6.34 -6.47 8.45
CA GLY A 250 7.21 -7.34 7.67
C GLY A 250 6.65 -8.74 7.61
N SER A 251 6.73 -9.37 6.44
CA SER A 251 6.15 -10.70 6.22
C SER A 251 6.93 -11.91 6.71
N GLU A 252 8.18 -11.75 7.14
CA GLU A 252 9.00 -12.95 7.48
C GLU A 252 8.39 -13.86 8.55
N ARG A 253 8.62 -15.16 8.42
CA ARG A 253 8.07 -16.15 9.34
C ARG A 253 9.08 -16.60 10.40
N ILE A 254 8.72 -16.50 11.67
CA ILE A 254 9.61 -16.80 12.78
C ILE A 254 9.85 -18.32 13.02
N ASN A 255 10.69 -18.64 14.00
CA ASN A 255 10.97 -20.03 14.34
C ASN A 255 10.64 -20.36 15.80
N THR A 260 9.41 -16.49 22.93
CA THR A 260 8.98 -16.12 24.28
C THR A 260 7.49 -16.35 24.56
N GLY A 261 6.68 -16.24 23.51
CA GLY A 261 5.24 -16.43 23.59
C GLY A 261 4.42 -15.15 23.58
N GLU A 262 5.04 -14.04 23.98
CA GLU A 262 4.49 -12.73 23.67
C GLU A 262 4.88 -12.39 22.23
N ARG A 263 6.06 -12.86 21.85
CA ARG A 263 6.56 -12.71 20.49
C ARG A 263 5.91 -13.72 19.54
N LEU A 264 5.63 -14.92 20.06
CA LEU A 264 4.92 -15.96 19.31
C LEU A 264 3.48 -15.55 18.97
N ARG A 265 2.86 -14.80 19.87
CA ARG A 265 1.51 -14.31 19.64
C ARG A 265 1.56 -13.17 18.64
N GLU A 266 2.44 -12.21 18.89
CA GLU A 266 2.61 -11.10 17.99
C GLU A 266 2.77 -11.61 16.56
N THR A 267 3.63 -12.59 16.40
CA THR A 267 3.99 -13.09 15.07
C THR A 267 2.82 -13.85 14.41
N GLN A 268 1.90 -14.33 15.24
CA GLN A 268 0.68 -14.98 14.78
C GLN A 268 -0.34 -13.98 14.29
N ASN A 269 -0.45 -12.85 15.00
CA ASN A 269 -1.28 -11.74 14.55
C ASN A 269 -0.81 -11.23 13.22
N ILE A 270 0.49 -10.91 13.13
CA ILE A 270 1.04 -10.41 11.90
C ILE A 270 0.76 -11.39 10.75
N ASN A 271 1.16 -12.64 10.89
CA ASN A 271 1.02 -13.61 9.79
C ASN A 271 -0.43 -13.81 9.35
N LYS A 272 -1.33 -13.85 10.33
CA LYS A 272 -2.76 -13.99 10.07
C LYS A 272 -3.37 -12.71 9.47
N SER A 273 -2.87 -11.56 9.92
CA SER A 273 -3.28 -10.30 9.33
C SER A 273 -2.87 -10.22 7.85
N LEU A 274 -1.65 -10.62 7.54
CA LEU A 274 -1.19 -10.57 6.16
C LEU A 274 -1.97 -11.55 5.30
N SER A 275 -2.14 -12.78 5.79
CA SER A 275 -2.90 -13.80 5.07
C SER A 275 -4.31 -13.33 4.80
N CYS A 276 -4.92 -12.75 5.82
CA CYS A 276 -6.27 -12.21 5.67
C CYS A 276 -6.34 -11.18 4.55
N LEU A 277 -5.37 -10.26 4.52
CA LEU A 277 -5.31 -9.25 3.47
C LEU A 277 -5.21 -9.92 2.10
N GLY A 278 -4.36 -10.94 2.00
CA GLY A 278 -4.19 -11.70 0.78
C GLY A 278 -5.46 -12.44 0.36
N ASP A 279 -6.17 -12.99 1.34
CA ASP A 279 -7.40 -13.72 1.02
C ASP A 279 -8.48 -12.76 0.54
N VAL A 280 -8.55 -11.59 1.17
CA VAL A 280 -9.53 -10.58 0.81
C VAL A 280 -9.29 -10.06 -0.60
N ILE A 281 -8.05 -9.66 -0.90
CA ILE A 281 -7.76 -9.12 -2.21
C ILE A 281 -7.97 -10.16 -3.29
N TYR A 282 -7.57 -11.39 -3.02
CA TYR A 282 -7.77 -12.46 -3.97
C TYR A 282 -9.24 -12.67 -4.27
N ALA A 283 -10.07 -12.67 -3.23
CA ALA A 283 -11.50 -12.95 -3.41
C ALA A 283 -12.20 -11.80 -4.15
N LEU A 284 -11.75 -10.57 -3.92
CA LEU A 284 -12.34 -9.43 -4.60
C LEU A 284 -12.01 -9.44 -6.09
N ASN A 285 -10.91 -10.10 -6.45
CA ASN A 285 -10.45 -10.17 -7.84
C ASN A 285 -11.10 -11.19 -8.76
N THR A 286 -11.64 -12.25 -8.18
CA THR A 286 -12.32 -13.29 -8.93
C THR A 286 -13.46 -12.71 -9.76
N PRO A 287 -13.82 -13.38 -10.87
CA PRO A 287 -14.89 -12.93 -11.77
C PRO A 287 -16.27 -13.03 -11.10
N ASP A 288 -16.37 -13.97 -10.16
CA ASP A 288 -17.58 -14.26 -9.38
C ASP A 288 -17.66 -13.55 -8.02
N ALA A 289 -16.77 -12.59 -7.78
CA ALA A 289 -16.63 -11.95 -6.47
C ALA A 289 -17.93 -11.54 -5.78
N GLY A 290 -18.90 -11.04 -6.53
CA GLY A 290 -20.15 -10.60 -5.92
C GLY A 290 -20.89 -11.73 -5.23
N LYS A 291 -20.57 -12.94 -5.63
CA LYS A 291 -21.11 -14.20 -5.09
C LYS A 291 -20.27 -14.80 -3.96
N ARG A 292 -19.23 -14.10 -3.50
CA ARG A 292 -18.32 -14.67 -2.51
C ARG A 292 -18.41 -13.99 -1.15
N TYR A 293 -18.07 -14.75 -0.11
CA TYR A 293 -17.86 -14.17 1.20
C TYR A 293 -16.49 -13.50 1.20
N ILE A 294 -16.43 -12.22 1.54
CA ILE A 294 -15.15 -11.53 1.69
C ILE A 294 -14.89 -11.31 3.18
N PRO A 295 -13.78 -11.88 3.70
CA PRO A 295 -13.55 -11.85 5.15
C PRO A 295 -12.92 -10.57 5.71
N PHE A 296 -13.51 -9.44 5.36
CA PHE A 296 -13.08 -8.13 5.84
C PHE A 296 -12.90 -8.11 7.36
N ARG A 297 -13.82 -8.79 8.04
CA ARG A 297 -13.96 -8.74 9.49
C ARG A 297 -12.81 -9.48 10.22
N ASN A 298 -12.05 -10.27 9.46
CA ASN A 298 -10.98 -11.09 10.02
C ASN A 298 -9.69 -10.36 10.45
N SER A 299 -9.53 -9.10 10.07
CA SER A 299 -8.41 -8.31 10.57
C SER A 299 -8.80 -6.85 10.66
N LYS A 300 -8.09 -6.09 11.47
CA LYS A 300 -8.33 -4.65 11.59
C LYS A 300 -8.11 -3.89 10.27
N LEU A 301 -7.05 -4.21 9.55
CA LEU A 301 -6.72 -3.54 8.29
C LEU A 301 -7.81 -3.71 7.23
N THR A 302 -8.20 -4.95 6.98
CA THR A 302 -9.25 -5.21 5.99
C THR A 302 -10.62 -4.66 6.37
N TYR A 303 -10.95 -4.70 7.66
CA TYR A 303 -12.22 -4.13 8.14
C TYR A 303 -12.22 -2.63 7.95
N LEU A 304 -11.12 -2.01 8.35
CA LEU A 304 -10.95 -0.56 8.23
C LEU A 304 -11.03 -0.10 6.78
N LEU A 305 -10.44 -0.87 5.86
CA LEU A 305 -10.34 -0.48 4.46
C LEU A 305 -11.46 -0.98 3.56
N GLN A 306 -12.43 -1.71 4.12
CA GLN A 306 -13.38 -2.47 3.31
C GLN A 306 -14.03 -1.67 2.20
N TYR A 307 -14.52 -0.47 2.49
CA TYR A 307 -15.16 0.34 1.45
C TYR A 307 -14.19 0.99 0.46
N SER A 308 -12.90 0.91 0.75
CA SER A 308 -11.87 1.36 -0.20
C SER A 308 -11.40 0.20 -1.08
N LEU A 309 -11.80 -1.02 -0.71
CA LEU A 309 -11.40 -2.22 -1.43
C LEU A 309 -12.46 -2.70 -2.41
N VAL A 310 -13.59 -2.01 -2.41
CA VAL A 310 -14.80 -2.56 -2.97
C VAL A 310 -15.45 -1.53 -3.91
N GLY A 311 -16.35 -1.99 -4.78
CA GLY A 311 -16.97 -1.09 -5.74
C GLY A 311 -16.03 -0.58 -6.82
N ASP A 312 -15.99 0.75 -6.97
CA ASP A 312 -15.17 1.39 -8.00
CA ASP A 312 -15.17 1.37 -8.00
C ASP A 312 -13.67 1.29 -7.69
N SER A 313 -13.34 0.91 -6.47
CA SER A 313 -11.99 1.10 -5.93
C SER A 313 -10.85 0.53 -6.74
N LYS A 314 -9.72 1.22 -6.65
CA LYS A 314 -8.48 0.81 -7.28
C LYS A 314 -7.47 0.48 -6.19
N THR A 315 -6.79 -0.65 -6.36
CA THR A 315 -5.81 -1.15 -5.42
C THR A 315 -4.49 -1.46 -6.12
N LEU A 316 -3.39 -1.09 -5.45
CA LEU A 316 -2.06 -1.38 -5.95
C LEU A 316 -1.22 -1.96 -4.81
N MET A 317 -0.55 -3.07 -5.10
CA MET A 317 0.36 -3.63 -4.12
C MET A 317 1.76 -3.69 -4.67
N PHE A 318 2.70 -3.15 -3.90
CA PHE A 318 4.13 -3.30 -4.16
C PHE A 318 4.61 -4.50 -3.38
N VAL A 319 5.34 -5.39 -4.05
CA VAL A 319 6.13 -6.40 -3.35
C VAL A 319 7.57 -5.91 -3.39
N ASN A 320 8.10 -5.54 -2.23
CA ASN A 320 9.52 -5.22 -2.11
C ASN A 320 10.36 -6.47 -1.86
N ILE A 321 11.44 -6.59 -2.61
CA ILE A 321 12.37 -7.67 -2.31
C ILE A 321 13.80 -7.19 -2.27
N PRO A 322 14.57 -7.75 -1.33
CA PRO A 322 16.01 -7.52 -1.21
C PRO A 322 16.78 -8.34 -2.24
N PRO A 323 17.89 -7.80 -2.74
CA PRO A 323 18.74 -8.49 -3.71
C PRO A 323 19.58 -9.66 -3.14
N ASP A 324 19.72 -9.72 -1.82
CA ASP A 324 20.66 -10.62 -1.17
C ASP A 324 20.22 -12.08 -1.26
N PRO A 325 21.02 -12.93 -1.95
CA PRO A 325 20.72 -14.35 -2.10
C PRO A 325 20.64 -15.06 -0.75
N ASN A 326 21.24 -14.48 0.29
CA ASN A 326 21.11 -15.01 1.63
C ASN A 326 19.65 -15.01 2.12
N HIS A 327 18.84 -14.10 1.58
CA HIS A 327 17.43 -13.99 1.94
C HIS A 327 16.45 -14.67 1.01
N ILE A 328 16.99 -15.45 0.08
CA ILE A 328 16.23 -16.02 -1.02
C ILE A 328 14.92 -16.71 -0.65
N SER A 329 14.88 -17.44 0.45
CA SER A 329 13.64 -18.15 0.78
C SER A 329 12.51 -17.20 1.23
N GLU A 330 12.83 -16.21 2.06
CA GLU A 330 11.85 -15.18 2.39
C GLU A 330 11.42 -14.41 1.15
N THR A 331 12.36 -14.23 0.23
CA THR A 331 12.09 -13.51 -1.00
C THR A 331 11.06 -14.26 -1.81
N LEU A 332 11.21 -15.59 -1.86
CA LEU A 332 10.28 -16.44 -2.60
C LEU A 332 8.90 -16.46 -1.96
N ASN A 333 8.82 -16.52 -0.64
CA ASN A 333 7.53 -16.39 0.04
C ASN A 333 6.81 -15.12 -0.36
N SER A 334 7.54 -14.00 -0.32
CA SER A 334 6.98 -12.71 -0.69
C SER A 334 6.44 -12.77 -2.10
N LEU A 335 7.22 -13.34 -3.01
CA LEU A 335 6.86 -13.39 -4.42
C LEU A 335 5.59 -14.24 -4.65
N ARG A 336 5.45 -15.29 -3.85
CA ARG A 336 4.30 -16.18 -3.93
C ARG A 336 3.07 -15.46 -3.43
N PHE A 337 3.23 -14.73 -2.34
CA PHE A 337 2.11 -14.04 -1.75
C PHE A 337 1.52 -13.09 -2.77
N ALA A 338 2.39 -12.33 -3.39
CA ALA A 338 1.94 -11.26 -4.25
C ALA A 338 1.41 -11.77 -5.58
N SER A 339 2.00 -12.86 -6.07
CA SER A 339 1.54 -13.45 -7.31
C SER A 339 0.15 -14.08 -7.15
N LYS A 340 -0.07 -14.76 -6.02
CA LYS A 340 -1.38 -15.29 -5.66
C LYS A 340 -2.45 -14.20 -5.72
N VAL A 341 -2.17 -13.09 -5.06
CA VAL A 341 -3.04 -11.95 -5.08
C VAL A 341 -3.30 -11.48 -6.51
N ASN A 342 -2.22 -11.39 -7.28
CA ASN A 342 -2.25 -10.93 -8.67
C ASN A 342 -3.13 -11.79 -9.56
N SER A 343 -3.25 -13.07 -9.19
CA SER A 343 -3.95 -14.08 -9.99
C SER A 343 -5.37 -14.33 -9.48
MG MG B . 10.00 -0.45 7.72
PB ADP C . 11.47 -2.22 5.37
O1B ADP C . 11.04 -3.18 4.29
O2B ADP C . 10.61 -1.00 5.49
O3B ADP C . 11.80 -2.90 6.68
PA ADP C . 13.45 -0.18 4.73
O1A ADP C . 12.65 0.81 3.91
O2A ADP C . 13.81 0.10 6.15
O3A ADP C . 12.85 -1.68 4.71
O5' ADP C . 14.81 -0.39 3.88
C5' ADP C . 15.96 -1.09 4.40
C4' ADP C . 17.25 -0.33 4.10
O4' ADP C . 17.54 -0.24 2.69
C3' ADP C . 17.15 1.12 4.58
O3' ADP C . 18.46 1.50 5.03
C2' ADP C . 16.77 1.90 3.34
O2' ADP C . 17.28 3.23 3.37
C1' ADP C . 17.43 1.12 2.22
N9 ADP C . 16.64 1.07 0.97
C8 ADP C . 15.47 0.39 0.79
N7 ADP C . 15.04 0.52 -0.47
C5 ADP C . 15.94 1.28 -1.13
C6 ADP C . 16.09 1.80 -2.50
N6 ADP C . 15.17 1.50 -3.44
N1 ADP C . 17.18 2.55 -2.79
C2 ADP C . 18.10 2.83 -1.85
N3 ADP C . 18.03 2.40 -0.58
C4 ADP C . 16.99 1.62 -0.18
C1 EDO D . -0.99 -7.10 12.90
O1 EDO D . -1.91 -7.04 14.00
C2 EDO D . 0.02 -5.96 12.91
O2 EDO D . 0.99 -6.18 13.94
#